data_4WH5
#
_entry.id   4WH5
#
_cell.length_a   56.447
_cell.length_b   63.444
_cell.length_c   60.808
_cell.angle_alpha   90.00
_cell.angle_beta   101.60
_cell.angle_gamma   90.00
#
_symmetry.space_group_name_H-M   'P 1 21 1'
#
loop_
_entity.id
_entity.type
_entity.pdbx_description
1 polymer 'Lincosamide resistance protein'
2 non-polymer 'CHLORIDE ION'
3 non-polymer 'MAGNESIUM ION'
4 non-polymer LINCOMYCIN
5 water water
#
_entity_poly.entity_id   1
_entity_poly.type   'polypeptide(L)'
_entity_poly.pdbx_seq_one_letter_code
;G(MSE)KNNNVTEKELFYILDLFEH(MSE)KVTYWLDGGWGVDVLTGKQQREHRDIDIDFDAQHTQKVIQKLEDIGYKIE
VHW(MSE)PSR(MSE)ELKHEEYGYLDIHPINLNDDGSITQANPEGGNYVFQNDWFSETNYKDRKIPCISKEAQLLFHSG
YDLTETDHFDIKNLKSIT
;
_entity_poly.pdbx_strand_id   A,B
#
# COMPACT_ATOMS: atom_id res chain seq x y z
N ASN A 5 25.72 10.80 -9.19
CA ASN A 5 24.52 11.32 -9.84
C ASN A 5 23.38 10.30 -9.83
N ASN A 6 23.53 9.25 -10.62
CA ASN A 6 22.50 8.23 -10.76
C ASN A 6 23.01 6.81 -10.55
N VAL A 7 22.21 5.84 -10.98
CA VAL A 7 22.62 4.44 -10.99
C VAL A 7 22.06 3.83 -12.29
N THR A 8 22.95 3.49 -13.21
CA THR A 8 22.55 2.96 -14.51
C THR A 8 22.17 1.48 -14.46
N GLU A 9 21.53 0.98 -15.51
CA GLU A 9 21.13 -0.42 -15.59
C GLU A 9 22.33 -1.35 -15.45
N LYS A 10 23.45 -0.97 -16.07
CA LYS A 10 24.67 -1.75 -16.03
C LYS A 10 25.25 -1.83 -14.65
N GLU A 11 25.15 -0.75 -13.92
CA GLU A 11 25.61 -0.63 -12.55
C GLU A 11 24.71 -1.46 -11.65
N LEU A 12 23.41 -1.37 -11.88
CA LEU A 12 22.48 -2.19 -11.16
C LEU A 12 22.81 -3.67 -11.31
N PHE A 13 22.97 -4.12 -12.55
CA PHE A 13 23.29 -5.52 -12.81
C PHE A 13 24.54 -5.96 -12.05
N TYR A 14 25.54 -5.08 -11.98
CA TYR A 14 26.77 -5.45 -11.29
C TYR A 14 26.54 -5.64 -9.81
N ILE A 15 25.71 -4.80 -9.20
CA ILE A 15 25.36 -4.98 -7.80
C ILE A 15 24.55 -6.25 -7.61
N LEU A 16 23.58 -6.51 -8.49
CA LEU A 16 22.88 -7.79 -8.46
C LEU A 16 23.86 -8.96 -8.59
N ASP A 17 24.82 -8.84 -9.49
CA ASP A 17 25.86 -9.87 -9.61
C ASP A 17 26.62 -10.16 -8.32
N LEU A 18 26.89 -9.12 -7.52
CA LEU A 18 27.66 -9.32 -6.28
C LEU A 18 26.93 -10.29 -5.37
N PHE A 19 25.63 -10.10 -5.24
CA PHE A 19 24.81 -10.93 -4.35
C PHE A 19 24.73 -12.34 -4.89
N GLU A 20 24.60 -12.45 -6.20
CA GLU A 20 24.54 -13.75 -6.85
C GLU A 20 25.84 -14.56 -6.74
N HIS A 21 26.99 -13.89 -6.87
CA HIS A 21 28.26 -14.60 -6.74
C HIS A 21 28.53 -14.96 -5.29
N LYS A 23 26.25 -15.89 -3.40
CA LYS A 23 25.23 -16.90 -3.15
C LYS A 23 24.34 -16.48 -1.98
N VAL A 24 24.01 -15.19 -1.96
CA VAL A 24 23.10 -14.66 -0.94
C VAL A 24 21.72 -14.43 -1.54
N THR A 25 20.69 -15.01 -0.92
CA THR A 25 19.32 -14.75 -1.37
C THR A 25 18.98 -13.27 -1.17
N TYR A 26 18.37 -12.66 -2.19
CA TYR A 26 18.17 -11.21 -2.15
C TYR A 26 16.99 -10.84 -3.04
N TRP A 27 16.46 -9.64 -2.85
CA TRP A 27 15.42 -9.12 -3.74
C TRP A 27 15.64 -7.65 -3.96
N LEU A 28 15.52 -7.25 -5.23
CA LEU A 28 15.61 -5.85 -5.60
C LEU A 28 14.35 -5.15 -5.10
N ASP A 29 14.50 -3.92 -4.60
CA ASP A 29 13.40 -3.19 -3.97
C ASP A 29 13.49 -1.74 -4.48
N GLY A 30 12.72 -0.83 -3.89
CA GLY A 30 12.80 0.59 -4.24
C GLY A 30 12.45 0.91 -5.68
N GLY A 31 13.01 2.00 -6.21
CA GLY A 31 12.64 2.47 -7.54
C GLY A 31 13.11 1.59 -8.67
N TRP A 32 14.35 1.13 -8.63
CA TRP A 32 14.77 0.20 -9.66
C TRP A 32 13.90 -1.06 -9.64
N GLY A 33 13.42 -1.44 -8.45
CA GLY A 33 12.52 -2.59 -8.34
C GLY A 33 11.25 -2.37 -9.12
N VAL A 34 10.70 -1.16 -9.04
CA VAL A 34 9.53 -0.83 -9.88
C VAL A 34 9.83 -0.97 -11.39
N ASP A 35 10.92 -0.38 -11.84
CA ASP A 35 11.26 -0.43 -13.27
C ASP A 35 11.43 -1.87 -13.79
N VAL A 36 12.09 -2.70 -12.99
CA VAL A 36 12.32 -4.08 -13.36
C VAL A 36 10.98 -4.82 -13.54
N LEU A 37 10.02 -4.53 -12.68
CA LEU A 37 8.67 -5.10 -12.82
C LEU A 37 8.04 -4.76 -14.17
N THR A 38 8.28 -3.55 -14.64
CA THR A 38 7.74 -3.14 -15.93
C THR A 38 8.52 -3.68 -17.12
N GLY A 39 9.77 -4.06 -16.93
CA GLY A 39 10.51 -4.73 -17.98
C GLY A 39 11.43 -3.81 -18.78
N LYS A 40 11.47 -2.53 -18.44
CA LYS A 40 12.46 -1.61 -19.02
C LYS A 40 12.73 -0.44 -18.07
N GLN A 41 13.83 0.28 -18.27
CA GLN A 41 14.07 1.47 -17.46
C GLN A 41 13.05 2.58 -17.73
N GLN A 42 12.57 3.22 -16.65
CA GLN A 42 11.51 4.24 -16.76
C GLN A 42 12.00 5.64 -16.41
N ARG A 43 13.03 5.73 -15.56
CA ARG A 43 13.54 7.01 -15.13
C ARG A 43 14.93 6.83 -14.58
N GLU A 44 15.62 7.94 -14.32
CA GLU A 44 16.93 7.91 -13.65
C GLU A 44 16.72 7.61 -12.18
N HIS A 45 17.64 6.84 -11.61
CA HIS A 45 17.55 6.44 -10.21
C HIS A 45 18.72 6.96 -9.40
N ARG A 46 18.42 7.58 -8.28
CA ARG A 46 19.51 8.05 -7.42
C ARG A 46 20.11 6.92 -6.60
N ASP A 47 19.35 5.89 -6.35
CA ASP A 47 19.85 4.81 -5.51
C ASP A 47 19.37 3.40 -5.89
N ILE A 48 19.91 2.40 -5.19
CA ILE A 48 19.41 1.04 -5.23
C ILE A 48 18.99 0.63 -3.81
N ASP A 49 17.92 -0.15 -3.70
CA ASP A 49 17.54 -0.78 -2.44
C ASP A 49 17.56 -2.27 -2.65
N ILE A 50 18.27 -3.01 -1.78
CA ILE A 50 18.27 -4.47 -1.84
C ILE A 50 17.96 -5.11 -0.49
N ASP A 51 16.91 -5.94 -0.47
CA ASP A 51 16.57 -6.75 0.71
C ASP A 51 17.33 -8.07 0.57
N PHE A 52 17.93 -8.56 1.65
CA PHE A 52 18.77 -9.74 1.52
C PHE A 52 18.72 -10.59 2.80
N ASP A 53 19.11 -11.86 2.66
CA ASP A 53 19.15 -12.81 3.77
C ASP A 53 20.06 -12.33 4.89
N ALA A 54 19.47 -12.01 6.05
CA ALA A 54 20.19 -11.47 7.20
C ALA A 54 21.31 -12.35 7.77
N GLN A 55 21.23 -13.66 7.54
CA GLN A 55 22.32 -14.55 7.99
C GLN A 55 23.67 -14.18 7.36
N HIS A 56 23.63 -13.46 6.24
CA HIS A 56 24.86 -13.11 5.51
C HIS A 56 25.25 -11.66 5.63
N THR A 57 24.66 -10.97 6.59
CA THR A 57 24.95 -9.55 6.82
C THR A 57 26.45 -9.21 6.84
N GLN A 58 27.22 -9.98 7.62
CA GLN A 58 28.64 -9.67 7.79
C GLN A 58 29.45 -9.75 6.48
N LYS A 59 29.23 -10.79 5.68
CA LYS A 59 29.99 -10.90 4.43
C LYS A 59 29.50 -9.94 3.35
N VAL A 60 28.21 -9.65 3.37
CA VAL A 60 27.66 -8.67 2.46
C VAL A 60 28.25 -7.27 2.69
N ILE A 61 28.27 -6.82 3.95
CA ILE A 61 28.94 -5.56 4.30
C ILE A 61 30.43 -5.58 3.94
N GLN A 62 31.11 -6.68 4.23
CA GLN A 62 32.54 -6.77 3.92
C GLN A 62 32.81 -6.61 2.42
N LYS A 63 31.98 -7.25 1.58
CA LYS A 63 32.21 -7.21 0.16
C LYS A 63 31.92 -5.80 -0.38
N LEU A 64 30.86 -5.19 0.10
CA LEU A 64 30.54 -3.83 -0.35
C LEU A 64 31.67 -2.88 0.03
N GLU A 65 32.19 -3.03 1.24
CA GLU A 65 33.34 -2.23 1.66
C GLU A 65 34.59 -2.53 0.80
N ASP A 66 34.84 -3.81 0.53
CA ASP A 66 36.00 -4.19 -0.29
C ASP A 66 36.00 -3.58 -1.68
N ILE A 67 34.83 -3.44 -2.30
CA ILE A 67 34.78 -2.82 -3.62
C ILE A 67 34.68 -1.29 -3.54
N GLY A 68 34.59 -0.75 -2.33
CA GLY A 68 34.71 0.68 -2.13
C GLY A 68 33.49 1.42 -1.60
N TYR A 69 32.41 0.72 -1.25
CA TYR A 69 31.32 1.43 -0.60
C TYR A 69 31.73 1.84 0.79
N LYS A 70 31.30 3.03 1.19
CA LYS A 70 31.53 3.51 2.54
C LYS A 70 30.18 3.48 3.25
N ILE A 71 30.17 3.06 4.53
CA ILE A 71 28.92 3.11 5.29
C ILE A 71 28.62 4.53 5.72
N GLU A 72 27.43 5.01 5.36
CA GLU A 72 27.03 6.36 5.72
C GLU A 72 26.25 6.36 7.04
N VAL A 73 25.25 5.49 7.13
CA VAL A 73 24.50 5.39 8.35
C VAL A 73 24.18 3.94 8.63
N HIS A 74 24.52 3.51 9.83
CA HIS A 74 24.25 2.13 10.20
C HIS A 74 22.95 2.15 11.04
N TRP A 75 21.86 1.66 10.44
CA TRP A 75 20.54 1.63 11.14
C TRP A 75 20.12 0.21 11.45
N PRO A 77 18.38 -2.61 13.27
CA PRO A 77 18.24 -3.74 12.35
C PRO A 77 17.65 -3.42 11.00
N SER A 78 17.04 -2.24 10.84
CA SER A 78 16.33 -1.91 9.63
C SER A 78 17.24 -2.09 8.42
N ARG A 79 18.40 -1.44 8.44
CA ARG A 79 19.11 -1.24 7.20
C ARG A 79 20.50 -0.63 7.39
N GLU A 81 22.80 2.24 5.12
CA GLU A 81 22.85 3.13 3.96
C GLU A 81 24.32 3.28 3.59
N LEU A 82 24.67 2.99 2.34
CA LEU A 82 26.05 3.08 1.87
C LEU A 82 26.20 3.98 0.69
N LYS A 83 27.43 4.43 0.44
CA LYS A 83 27.71 5.28 -0.72
C LYS A 83 29.04 4.92 -1.40
N HIS A 84 29.02 4.84 -2.72
CA HIS A 84 30.23 4.57 -3.50
C HIS A 84 30.49 5.76 -4.42
N GLU A 85 31.75 6.19 -4.48
CA GLU A 85 32.17 7.30 -5.33
C GLU A 85 31.74 7.15 -6.78
N GLU A 86 31.86 5.94 -7.31
CA GLU A 86 31.41 5.77 -8.70
C GLU A 86 30.01 5.19 -8.79
N TYR A 87 29.69 4.13 -8.05
CA TYR A 87 28.39 3.46 -8.18
C TYR A 87 27.22 4.15 -7.45
N GLY A 88 27.50 5.11 -6.59
CA GLY A 88 26.40 5.88 -6.00
C GLY A 88 25.82 5.32 -4.71
N TYR A 89 24.54 5.62 -4.42
CA TYR A 89 23.90 5.18 -3.17
C TYR A 89 23.33 3.76 -3.21
N LEU A 90 23.49 3.05 -2.10
CA LEU A 90 22.93 1.71 -1.98
C LEU A 90 22.46 1.52 -0.57
N ASP A 91 21.20 1.14 -0.40
CA ASP A 91 20.70 0.79 0.92
C ASP A 91 20.46 -0.71 0.94
N ILE A 92 20.92 -1.41 1.98
CA ILE A 92 20.60 -2.85 2.09
C ILE A 92 19.75 -3.09 3.33
N HIS A 93 18.82 -4.02 3.21
CA HIS A 93 17.85 -4.27 4.27
C HIS A 93 17.88 -5.74 4.61
N PRO A 94 18.47 -6.09 5.76
CA PRO A 94 18.56 -7.50 6.18
C PRO A 94 17.18 -8.04 6.58
N ILE A 95 16.77 -9.13 5.95
CA ILE A 95 15.50 -9.74 6.32
C ILE A 95 15.71 -11.20 6.75
N ASN A 96 14.85 -11.63 7.66
CA ASN A 96 15.05 -12.94 8.30
C ASN A 96 14.16 -13.96 7.60
N LEU A 97 14.77 -15.03 7.10
CA LEU A 97 14.05 -16.12 6.45
C LEU A 97 14.00 -17.25 7.48
N ASN A 98 12.94 -17.26 8.27
CA ASN A 98 12.88 -18.08 9.45
C ASN A 98 12.45 -19.51 9.15
N ASP A 99 12.91 -20.42 9.99
CA ASP A 99 12.56 -21.83 9.81
C ASP A 99 11.08 -22.08 10.05
N ASP A 100 10.40 -21.16 10.74
CA ASP A 100 8.94 -21.30 10.89
C ASP A 100 8.15 -20.85 9.64
N GLY A 101 8.87 -20.56 8.56
CA GLY A 101 8.21 -20.17 7.32
C GLY A 101 7.90 -18.69 7.18
N SER A 102 8.06 -17.92 8.25
CA SER A 102 7.84 -16.48 8.18
C SER A 102 9.06 -15.76 7.63
N ILE A 103 8.81 -14.56 7.12
CA ILE A 103 9.86 -13.66 6.65
C ILE A 103 9.66 -12.37 7.42
N THR A 104 10.70 -11.89 8.11
CA THR A 104 10.52 -10.77 9.02
C THR A 104 11.70 -9.80 8.96
N GLN A 105 11.50 -8.59 9.48
CA GLN A 105 12.57 -7.57 9.62
C GLN A 105 12.44 -7.03 11.03
N ALA A 106 13.54 -6.83 11.73
CA ALA A 106 13.36 -6.34 13.09
C ALA A 106 12.91 -4.87 13.10
N ASN A 107 12.14 -4.58 14.14
CA ASN A 107 11.57 -3.28 14.42
C ASN A 107 12.29 -2.76 15.66
N PRO A 108 13.05 -1.69 15.51
CA PRO A 108 13.83 -1.14 16.64
C PRO A 108 13.02 -0.81 17.89
N GLU A 109 11.72 -0.66 17.81
CA GLU A 109 10.90 -0.30 18.97
C GLU A 109 10.28 -1.50 19.68
N GLY A 110 10.54 -2.71 19.19
CA GLY A 110 10.01 -3.90 19.81
C GLY A 110 9.28 -4.81 18.84
N GLY A 111 9.66 -6.08 18.86
CA GLY A 111 9.05 -7.07 17.99
C GLY A 111 9.65 -7.03 16.60
N ASN A 112 8.89 -7.51 15.63
CA ASN A 112 9.36 -7.54 14.26
CA ASN A 112 9.36 -7.58 14.25
C ASN A 112 8.24 -7.24 13.27
N TYR A 113 8.61 -6.80 12.08
CA TYR A 113 7.62 -6.64 11.04
C TYR A 113 7.45 -7.96 10.32
N VAL A 114 6.20 -8.34 10.08
CA VAL A 114 5.93 -9.59 9.39
C VAL A 114 5.63 -9.33 7.94
N PHE A 115 6.33 -10.01 7.05
CA PHE A 115 6.06 -9.85 5.64
C PHE A 115 5.33 -11.09 5.12
N GLN A 116 4.84 -11.01 3.89
CA GLN A 116 4.17 -12.16 3.30
C GLN A 116 5.11 -12.75 2.26
N ASN A 117 5.14 -14.04 2.14
CA ASN A 117 6.04 -14.69 1.25
C ASN A 117 5.86 -14.27 -0.19
N ASP A 118 4.63 -14.07 -0.61
CA ASP A 118 4.43 -13.72 -2.01
C ASP A 118 4.84 -12.28 -2.37
N TRP A 119 5.22 -11.48 -1.37
CA TRP A 119 5.77 -10.12 -1.68
C TRP A 119 7.18 -10.26 -2.19
N PHE A 120 7.73 -11.47 -2.10
CA PHE A 120 9.10 -11.69 -2.57
C PHE A 120 9.08 -12.56 -3.80
N SER A 121 9.36 -11.91 -4.92
CA SER A 121 9.02 -12.44 -6.21
C SER A 121 10.21 -12.40 -7.16
N GLU A 122 9.95 -12.50 -8.45
CA GLU A 122 10.99 -12.29 -9.44
C GLU A 122 10.35 -11.90 -10.74
N THR A 123 11.17 -11.43 -11.69
CA THR A 123 10.63 -11.10 -12.99
C THR A 123 11.71 -11.24 -14.08
N ASN A 124 11.25 -11.51 -15.29
CA ASN A 124 12.16 -11.57 -16.45
C ASN A 124 12.40 -10.16 -16.99
N TYR A 125 13.61 -9.66 -16.77
CA TYR A 125 13.95 -8.32 -17.24
C TYR A 125 15.06 -8.43 -18.27
N LYS A 126 14.74 -8.18 -19.53
CA LYS A 126 15.71 -8.24 -20.62
C LYS A 126 16.48 -9.57 -20.65
N ASP A 127 15.72 -10.66 -20.53
CA ASP A 127 16.16 -12.05 -20.45
C ASP A 127 17.24 -12.27 -19.37
N ARG A 128 17.00 -11.57 -18.27
CA ARG A 128 17.67 -11.88 -17.01
C ARG A 128 16.61 -12.05 -15.93
N LYS A 129 16.72 -13.11 -15.12
CA LYS A 129 15.73 -13.26 -14.04
C LYS A 129 16.20 -12.50 -12.81
N ILE A 130 15.45 -11.47 -12.46
CA ILE A 130 15.82 -10.64 -11.33
C ILE A 130 14.83 -10.83 -10.19
N PRO A 131 15.30 -11.26 -9.02
CA PRO A 131 14.38 -11.34 -7.90
C PRO A 131 14.05 -9.95 -7.41
N CYS A 132 12.79 -9.68 -7.12
CA CYS A 132 12.38 -8.35 -6.75
C CYS A 132 11.11 -8.41 -5.91
N ILE A 133 10.78 -7.35 -5.18
CA ILE A 133 9.50 -7.39 -4.47
C ILE A 133 8.34 -7.26 -5.45
N SER A 134 7.16 -7.76 -5.08
CA SER A 134 6.02 -7.76 -5.98
C SER A 134 5.42 -6.37 -6.20
N LYS A 135 4.60 -6.28 -7.23
CA LYS A 135 3.84 -5.08 -7.55
CA LYS A 135 3.84 -5.08 -7.55
C LYS A 135 2.98 -4.68 -6.36
N GLU A 136 2.30 -5.66 -5.76
CA GLU A 136 1.43 -5.35 -4.64
CA GLU A 136 1.44 -5.43 -4.59
C GLU A 136 2.24 -4.88 -3.42
N ALA A 137 3.39 -5.51 -3.17
CA ALA A 137 4.27 -5.05 -2.12
C ALA A 137 4.76 -3.60 -2.33
N GLN A 138 5.10 -3.26 -3.56
CA GLN A 138 5.48 -1.87 -3.85
C GLN A 138 4.34 -0.91 -3.50
N LEU A 139 3.12 -1.24 -3.89
CA LEU A 139 1.97 -0.40 -3.53
C LEU A 139 1.75 -0.30 -2.00
N LEU A 140 1.88 -1.44 -1.37
CA LEU A 140 1.68 -1.55 0.07
C LEU A 140 2.68 -0.73 0.87
N PHE A 141 3.96 -0.71 0.45
CA PHE A 141 4.94 0.03 1.21
C PHE A 141 5.07 1.50 0.79
N HIS A 142 4.35 1.88 -0.26
CA HIS A 142 4.10 3.29 -0.52
C HIS A 142 3.04 3.78 0.45
N SER A 143 3.02 5.08 0.70
CA SER A 143 2.02 5.64 1.61
C SER A 143 1.13 6.58 0.84
N GLY A 144 -0.14 6.22 0.73
CA GLY A 144 -1.11 6.99 -0.05
C GLY A 144 -1.20 8.46 0.29
N TYR A 145 -1.15 8.78 1.57
CA TYR A 145 -1.24 10.18 1.98
C TYR A 145 0.10 10.94 1.86
N ASP A 146 1.17 10.26 1.48
CA ASP A 146 2.50 10.86 1.43
CA ASP A 146 2.49 10.88 1.43
C ASP A 146 3.24 10.50 0.14
N LEU A 147 2.61 10.70 -1.01
CA LEU A 147 3.21 10.33 -2.29
C LEU A 147 3.83 11.56 -2.96
N THR A 148 5.06 11.42 -3.45
CA THR A 148 5.73 12.48 -4.18
C THR A 148 5.29 12.36 -5.64
N GLU A 149 5.68 13.30 -6.51
CA GLU A 149 5.25 13.15 -7.90
C GLU A 149 5.94 11.95 -8.52
N THR A 150 7.17 11.67 -8.10
CA THR A 150 7.90 10.53 -8.61
C THR A 150 7.24 9.23 -8.13
N ASP A 151 6.78 9.20 -6.88
CA ASP A 151 6.04 8.03 -6.40
C ASP A 151 4.83 7.75 -7.30
N HIS A 152 4.09 8.81 -7.62
CA HIS A 152 2.91 8.68 -8.47
C HIS A 152 3.30 8.12 -9.85
N PHE A 153 4.37 8.64 -10.42
CA PHE A 153 4.90 8.15 -11.68
C PHE A 153 5.24 6.67 -11.58
N ASP A 154 5.96 6.30 -10.53
CA ASP A 154 6.32 4.90 -10.28
C ASP A 154 5.08 4.02 -10.18
N ILE A 155 4.12 4.48 -9.40
CA ILE A 155 2.88 3.72 -9.21
C ILE A 155 2.07 3.55 -10.50
N LYS A 156 1.98 4.59 -11.31
CA LYS A 156 1.26 4.45 -12.57
C LYS A 156 1.99 3.51 -13.52
N ASN A 157 3.31 3.42 -13.39
CA ASN A 157 4.06 2.51 -14.23
C ASN A 157 3.66 1.07 -13.94
N LEU A 158 3.29 0.80 -12.69
CA LEU A 158 2.85 -0.54 -12.26
C LEU A 158 1.44 -0.85 -12.75
N LYS A 159 0.63 0.19 -12.97
CA LYS A 159 -0.72 0.01 -13.53
C LYS A 159 -0.64 -0.68 -14.86
N SER A 160 0.22 -0.12 -15.69
CA SER A 160 0.47 -0.33 -17.11
C SER A 160 0.96 -1.73 -17.36
N ILE A 161 1.32 -2.40 -16.26
CA ILE A 161 1.80 -3.76 -16.34
C ILE A 161 0.62 -4.60 -16.78
N THR A 162 0.74 -5.22 -17.94
CA THR A 162 -0.44 -5.87 -18.48
C THR A 162 -0.78 -7.17 -17.74
N ASN B 5 -23.10 -7.87 16.83
CA ASN B 5 -22.57 -6.50 16.84
C ASN B 5 -21.88 -6.15 15.52
N ASN B 6 -21.45 -7.18 14.80
CA ASN B 6 -20.75 -6.96 13.54
C ASN B 6 -21.67 -6.58 12.39
N VAL B 7 -21.11 -5.90 11.41
CA VAL B 7 -21.90 -5.27 10.37
C VAL B 7 -22.13 -6.28 9.29
N THR B 8 -23.38 -6.71 9.16
CA THR B 8 -23.72 -7.72 8.19
C THR B 8 -23.85 -7.14 6.78
N GLU B 9 -23.84 -8.02 5.80
CA GLU B 9 -23.96 -7.58 4.41
C GLU B 9 -25.25 -6.80 4.22
N LYS B 10 -26.34 -7.30 4.79
CA LYS B 10 -27.64 -6.60 4.72
C LYS B 10 -27.58 -5.19 5.35
N GLU B 11 -26.88 -5.04 6.48
CA GLU B 11 -26.72 -3.72 7.11
C GLU B 11 -25.84 -2.80 6.26
N LEU B 12 -24.77 -3.32 5.68
CA LEU B 12 -23.98 -2.55 4.72
C LEU B 12 -24.85 -2.06 3.56
N PHE B 13 -25.66 -2.97 2.98
CA PHE B 13 -26.50 -2.57 1.83
C PHE B 13 -27.43 -1.46 2.25
N TYR B 14 -27.93 -1.54 3.49
CA TYR B 14 -28.85 -0.49 3.95
C TYR B 14 -28.16 0.89 4.01
N ILE B 15 -26.93 0.91 4.52
CA ILE B 15 -26.16 2.14 4.55
C ILE B 15 -25.86 2.63 3.12
N LEU B 16 -25.53 1.72 2.23
CA LEU B 16 -25.34 2.09 0.81
C LEU B 16 -26.63 2.70 0.23
N ASP B 17 -27.77 2.11 0.59
CA ASP B 17 -29.06 2.67 0.18
C ASP B 17 -29.29 4.06 0.74
N LEU B 18 -28.85 4.32 1.98
CA LEU B 18 -29.08 5.64 2.60
C LEU B 18 -28.43 6.71 1.75
N PHE B 19 -27.13 6.55 1.50
CA PHE B 19 -26.41 7.52 0.69
C PHE B 19 -27.03 7.67 -0.74
N GLU B 20 -27.38 6.58 -1.39
CA GLU B 20 -27.95 6.66 -2.73
C GLU B 20 -29.32 7.35 -2.75
N HIS B 21 -30.17 7.00 -1.78
CA HIS B 21 -31.44 7.71 -1.62
C HIS B 21 -31.24 9.20 -1.40
N LYS B 23 -28.98 10.89 -2.56
CA LYS B 23 -28.26 11.35 -3.74
C LYS B 23 -26.91 11.98 -3.38
N VAL B 24 -26.19 11.32 -2.49
CA VAL B 24 -24.89 11.82 -2.06
C VAL B 24 -23.86 10.92 -2.69
N THR B 25 -23.00 11.49 -3.54
CA THR B 25 -21.94 10.68 -4.16
C THR B 25 -21.00 10.15 -3.07
N TYR B 26 -20.57 8.90 -3.19
CA TYR B 26 -19.79 8.29 -2.13
C TYR B 26 -19.08 7.05 -2.68
N TRP B 27 -18.15 6.52 -1.89
CA TRP B 27 -17.48 5.26 -2.21
C TRP B 27 -17.26 4.51 -0.92
N LEU B 28 -17.49 3.19 -0.97
CA LEU B 28 -17.20 2.33 0.17
C LEU B 28 -15.69 2.15 0.24
N ASP B 29 -15.16 2.13 1.45
CA ASP B 29 -13.73 2.11 1.70
C ASP B 29 -13.58 1.04 2.78
N GLY B 30 -12.38 0.99 3.39
CA GLY B 30 -12.08 0.06 4.48
C GLY B 30 -12.29 -1.43 4.24
N GLY B 31 -12.58 -2.19 5.31
CA GLY B 31 -12.70 -3.64 5.23
C GLY B 31 -13.83 -4.19 4.36
N TRP B 32 -15.04 -3.63 4.51
CA TRP B 32 -16.11 -4.05 3.62
C TRP B 32 -15.80 -3.69 2.18
N GLY B 33 -15.06 -2.61 1.97
CA GLY B 33 -14.60 -2.28 0.64
C GLY B 33 -13.71 -3.39 0.07
N VAL B 34 -12.86 -3.96 0.90
CA VAL B 34 -12.06 -5.08 0.45
C VAL B 34 -12.93 -6.26 0.04
N ASP B 35 -13.85 -6.66 0.90
CA ASP B 35 -14.68 -7.83 0.60
C ASP B 35 -15.46 -7.60 -0.68
N VAL B 36 -16.00 -6.41 -0.85
CA VAL B 36 -16.79 -6.11 -2.04
C VAL B 36 -15.96 -6.25 -3.33
N LEU B 37 -14.69 -5.83 -3.31
CA LEU B 37 -13.81 -6.05 -4.45
C LEU B 37 -13.62 -7.54 -4.80
N THR B 38 -13.72 -8.40 -3.79
CA THR B 38 -13.53 -9.84 -4.00
C THR B 38 -14.81 -10.55 -4.45
N GLY B 39 -15.94 -9.89 -4.32
CA GLY B 39 -17.19 -10.44 -4.81
C GLY B 39 -17.97 -11.26 -3.78
N LYS B 40 -17.40 -11.42 -2.61
CA LYS B 40 -18.11 -12.08 -1.51
C LYS B 40 -17.60 -11.62 -0.15
N GLN B 41 -18.41 -11.86 0.88
CA GLN B 41 -17.96 -11.62 2.25
C GLN B 41 -16.86 -12.61 2.65
N GLN B 42 -15.85 -12.08 3.33
CA GLN B 42 -14.64 -12.81 3.68
C GLN B 42 -14.50 -13.00 5.19
N ARG B 43 -15.10 -12.11 5.96
CA ARG B 43 -14.89 -12.13 7.39
C ARG B 43 -15.98 -11.27 8.05
N GLU B 44 -16.01 -11.25 9.37
CA GLU B 44 -16.86 -10.31 10.07
C GLU B 44 -16.22 -8.94 10.17
N HIS B 45 -17.07 -7.92 10.19
CA HIS B 45 -16.61 -6.54 10.16
C HIS B 45 -17.13 -5.72 11.35
N ARG B 46 -16.22 -4.98 11.99
CA ARG B 46 -16.58 -4.08 13.08
C ARG B 46 -17.33 -2.88 12.54
N ASP B 47 -16.89 -2.43 11.37
CA ASP B 47 -17.31 -1.13 10.85
C ASP B 47 -17.50 -1.08 9.36
N ILE B 48 -18.11 0.03 8.90
CA ILE B 48 -18.11 0.41 7.49
C ILE B 48 -17.39 1.74 7.35
N ASP B 49 -16.54 1.92 6.34
CA ASP B 49 -15.96 3.22 6.06
C ASP B 49 -16.59 3.73 4.79
N ILE B 50 -17.09 4.97 4.85
CA ILE B 50 -17.66 5.60 3.65
C ILE B 50 -16.98 6.94 3.41
N ASP B 51 -16.54 7.17 2.18
CA ASP B 51 -15.96 8.44 1.79
C ASP B 51 -17.06 9.12 1.00
N PHE B 52 -17.42 10.36 1.35
CA PHE B 52 -18.63 10.94 0.76
C PHE B 52 -18.45 12.43 0.43
N ASP B 53 -19.27 12.92 -0.49
CA ASP B 53 -19.29 14.31 -0.92
C ASP B 53 -19.50 15.24 0.28
N ALA B 54 -18.45 15.99 0.60
CA ALA B 54 -18.42 16.88 1.77
C ALA B 54 -19.49 17.98 1.75
N GLN B 55 -20.00 18.33 0.58
CA GLN B 55 -21.05 19.36 0.52
C GLN B 55 -22.33 18.90 1.22
N HIS B 56 -22.49 17.60 1.44
CA HIS B 56 -23.70 17.08 2.08
C HIS B 56 -23.47 16.66 3.51
N THR B 57 -22.37 17.13 4.07
CA THR B 57 -22.00 16.78 5.45
C THR B 57 -23.16 16.93 6.43
N GLN B 58 -23.82 18.09 6.46
CA GLN B 58 -24.82 18.26 7.51
C GLN B 58 -26.01 17.28 7.38
N LYS B 59 -26.49 17.02 6.17
CA LYS B 59 -27.69 16.21 6.05
C LYS B 59 -27.35 14.73 6.19
N VAL B 60 -26.11 14.38 5.84
CA VAL B 60 -25.64 13.02 6.11
C VAL B 60 -25.62 12.74 7.59
N ILE B 61 -24.99 13.60 8.38
CA ILE B 61 -24.96 13.42 9.83
C ILE B 61 -26.36 13.38 10.44
N GLN B 62 -27.22 14.27 9.98
CA GLN B 62 -28.55 14.40 10.58
C GLN B 62 -29.36 13.12 10.32
N LYS B 63 -29.28 12.60 9.10
CA LYS B 63 -30.01 11.38 8.74
C LYS B 63 -29.50 10.19 9.57
N LEU B 64 -28.18 10.09 9.72
CA LEU B 64 -27.62 9.02 10.52
C LEU B 64 -28.11 9.11 11.96
N GLU B 65 -28.11 10.32 12.54
CA GLU B 65 -28.68 10.49 13.86
C GLU B 65 -30.16 10.12 13.88
N ASP B 66 -30.87 10.52 12.82
CA ASP B 66 -32.32 10.28 12.75
C ASP B 66 -32.68 8.79 12.84
N ILE B 67 -31.81 7.93 12.31
CA ILE B 67 -32.11 6.49 12.31
C ILE B 67 -31.46 5.77 13.49
N GLY B 68 -30.74 6.53 14.31
CA GLY B 68 -30.28 6.00 15.59
C GLY B 68 -28.78 5.91 15.77
N TYR B 69 -28.01 6.37 14.80
CA TYR B 69 -26.57 6.39 15.03
C TYR B 69 -26.24 7.47 16.04
N LYS B 70 -25.31 7.17 16.96
CA LYS B 70 -24.85 8.17 17.93
C LYS B 70 -23.40 8.54 17.59
N ILE B 71 -23.11 9.84 17.57
CA ILE B 71 -21.76 10.26 17.30
C ILE B 71 -20.86 9.89 18.47
N GLU B 72 -19.76 9.21 18.19
CA GLU B 72 -18.84 8.85 19.25
C GLU B 72 -17.48 9.52 19.12
N VAL B 73 -17.08 9.85 17.89
CA VAL B 73 -15.76 10.43 17.63
C VAL B 73 -15.99 11.49 16.58
N HIS B 74 -15.63 12.71 16.89
CA HIS B 74 -15.85 13.76 15.91
C HIS B 74 -14.52 14.42 15.64
N TRP B 75 -13.91 13.99 14.55
CA TRP B 75 -12.67 14.58 14.10
C TRP B 75 -12.91 15.40 12.83
N PRO B 77 -13.42 18.37 10.09
CA PRO B 77 -13.90 17.86 8.80
C PRO B 77 -13.10 16.68 8.26
N SER B 78 -12.21 16.11 9.06
CA SER B 78 -11.46 14.94 8.62
C SER B 78 -12.24 13.60 8.68
N ARG B 79 -12.93 13.35 9.78
CA ARG B 79 -13.47 12.00 10.01
C ARG B 79 -14.42 11.97 11.19
N GLU B 81 -16.78 9.00 13.62
CA GLU B 81 -17.26 7.64 13.86
C GLU B 81 -18.58 7.67 14.60
N LEU B 82 -19.58 6.96 14.07
CA LEU B 82 -20.85 6.86 14.75
C LEU B 82 -21.15 5.41 15.06
N LYS B 83 -22.06 5.19 16.02
CA LYS B 83 -22.39 3.82 16.44
C LYS B 83 -23.88 3.64 16.61
N HIS B 84 -24.38 2.58 16.02
CA HIS B 84 -25.80 2.24 16.09
C HIS B 84 -25.90 0.94 16.84
N GLU B 85 -26.95 0.84 17.65
CA GLU B 85 -27.15 -0.33 18.50
C GLU B 85 -27.28 -1.62 17.71
N GLU B 86 -27.82 -1.53 16.50
CA GLU B 86 -27.90 -2.72 15.67
C GLU B 86 -26.87 -2.70 14.53
N TYR B 87 -26.75 -1.60 13.80
CA TYR B 87 -25.94 -1.54 12.58
C TYR B 87 -24.42 -1.44 12.80
N GLY B 88 -24.00 -1.22 14.02
CA GLY B 88 -22.57 -1.26 14.24
C GLY B 88 -21.93 0.09 14.11
N TYR B 89 -20.62 0.06 13.88
CA TYR B 89 -19.87 1.29 13.71
C TYR B 89 -19.84 1.75 12.26
N LEU B 90 -19.84 3.06 12.08
CA LEU B 90 -19.80 3.64 10.76
C LEU B 90 -18.86 4.85 10.83
N ASP B 91 -17.81 4.85 10.01
CA ASP B 91 -16.89 5.97 9.90
C ASP B 91 -17.09 6.67 8.58
N ILE B 92 -17.35 7.97 8.65
CA ILE B 92 -17.57 8.73 7.44
C ILE B 92 -16.40 9.74 7.27
N HIS B 93 -16.01 9.93 6.04
CA HIS B 93 -14.90 10.75 5.63
C HIS B 93 -15.32 11.70 4.52
N PRO B 94 -15.49 12.97 4.86
CA PRO B 94 -15.92 13.94 3.83
C PRO B 94 -14.81 14.14 2.80
N ILE B 95 -15.15 14.11 1.53
CA ILE B 95 -14.17 14.39 0.48
C ILE B 95 -14.73 15.43 -0.47
N ASN B 96 -13.84 16.21 -1.08
CA ASN B 96 -14.31 17.33 -1.90
C ASN B 96 -14.38 16.92 -3.37
N LEU B 97 -15.56 17.05 -3.96
CA LEU B 97 -15.77 16.70 -5.34
C LEU B 97 -15.92 18.01 -6.11
N ASN B 98 -14.81 18.46 -6.70
CA ASN B 98 -14.75 19.75 -7.38
C ASN B 98 -15.35 19.74 -8.80
N ASP B 99 -15.89 20.88 -9.22
CA ASP B 99 -16.47 21.04 -10.55
C ASP B 99 -15.43 20.82 -11.65
N ASP B 100 -14.17 21.08 -11.31
CA ASP B 100 -13.07 20.92 -12.26
C ASP B 100 -12.60 19.47 -12.35
N GLY B 101 -13.43 18.54 -11.87
CA GLY B 101 -13.19 17.12 -12.04
C GLY B 101 -12.33 16.49 -10.96
N SER B 102 -11.62 17.33 -10.20
CA SER B 102 -10.71 16.87 -9.15
C SER B 102 -11.43 16.31 -7.91
N ILE B 103 -10.77 15.37 -7.25
CA ILE B 103 -11.27 14.81 -5.99
C ILE B 103 -10.24 15.02 -4.89
N THR B 104 -10.57 15.84 -3.90
CA THR B 104 -9.60 16.20 -2.88
C THR B 104 -10.04 15.96 -1.44
N GLN B 105 -9.07 15.99 -0.55
CA GLN B 105 -9.33 16.02 0.88
C GLN B 105 -8.47 17.10 1.46
N ALA B 106 -9.02 17.86 2.39
CA ALA B 106 -8.24 18.92 3.02
C ALA B 106 -7.08 18.31 3.81
N ASN B 107 -5.88 18.88 3.65
CA ASN B 107 -4.74 18.45 4.45
C ASN B 107 -4.94 19.00 5.85
N PRO B 108 -5.00 18.10 6.85
CA PRO B 108 -5.36 18.38 8.25
C PRO B 108 -4.75 19.66 8.82
N GLU B 109 -3.71 20.19 8.16
CA GLU B 109 -2.88 21.30 8.58
C GLU B 109 -2.89 22.42 7.56
N GLY B 110 -2.30 22.04 6.43
CA GLY B 110 -2.07 22.97 5.34
C GLY B 110 -1.97 22.29 3.99
N GLY B 111 -2.84 22.68 3.07
CA GLY B 111 -2.83 22.16 1.72
C GLY B 111 -3.99 21.23 1.41
N ASN B 112 -3.93 20.62 0.22
CA ASN B 112 -4.96 19.66 -0.18
C ASN B 112 -4.34 18.39 -0.75
N TYR B 113 -4.80 17.23 -0.28
CA TYR B 113 -4.49 15.97 -0.93
C TYR B 113 -5.28 15.96 -2.22
N VAL B 114 -4.62 15.66 -3.34
CA VAL B 114 -5.29 15.43 -4.62
C VAL B 114 -5.28 13.95 -4.96
N PHE B 115 -6.41 13.28 -4.82
CA PHE B 115 -6.46 11.86 -5.10
C PHE B 115 -6.34 11.63 -6.60
N GLN B 116 -5.88 10.44 -6.98
CA GLN B 116 -6.00 10.00 -8.36
C GLN B 116 -7.44 9.58 -8.57
N ASN B 117 -8.04 10.06 -9.63
CA ASN B 117 -9.42 9.75 -9.82
C ASN B 117 -9.72 8.29 -9.93
N ASP B 118 -8.85 7.53 -10.57
CA ASP B 118 -9.17 6.13 -10.78
C ASP B 118 -9.04 5.29 -9.50
N TRP B 119 -8.66 5.95 -8.40
CA TRP B 119 -8.72 5.27 -7.10
C TRP B 119 -10.15 5.09 -6.62
N PHE B 120 -11.07 5.87 -7.16
CA PHE B 120 -12.47 5.76 -6.81
C PHE B 120 -13.21 5.07 -7.93
N SER B 121 -13.72 3.88 -7.69
CA SER B 121 -14.38 3.21 -8.80
C SER B 121 -15.66 2.48 -8.42
N GLU B 122 -15.95 1.38 -9.10
CA GLU B 122 -17.19 0.65 -8.86
C GLU B 122 -16.96 -0.81 -9.17
N THR B 123 -17.67 -1.68 -8.47
CA THR B 123 -17.57 -3.13 -8.71
CA THR B 123 -17.56 -3.11 -8.73
C THR B 123 -18.94 -3.73 -8.66
N ASN B 124 -19.13 -4.83 -9.39
CA ASN B 124 -20.41 -5.51 -9.40
C ASN B 124 -20.39 -6.51 -8.28
N TYR B 125 -21.16 -6.29 -7.23
CA TYR B 125 -21.13 -7.23 -6.12
C TYR B 125 -22.47 -7.95 -6.02
N LYS B 126 -22.47 -9.26 -6.26
CA LYS B 126 -23.73 -10.00 -6.31
C LYS B 126 -24.85 -9.28 -7.07
N ASP B 127 -24.57 -8.89 -8.31
CA ASP B 127 -25.35 -7.99 -9.20
C ASP B 127 -26.03 -6.76 -8.56
N ARG B 128 -25.28 -6.18 -7.61
CA ARG B 128 -25.47 -4.79 -7.23
C ARG B 128 -24.20 -4.04 -7.62
N LYS B 129 -24.32 -2.85 -8.21
CA LYS B 129 -23.12 -2.07 -8.51
C LYS B 129 -22.80 -1.21 -7.29
N ILE B 130 -21.61 -1.38 -6.72
CA ILE B 130 -21.24 -0.66 -5.50
C ILE B 130 -20.05 0.27 -5.74
N PRO B 131 -20.23 1.58 -5.50
CA PRO B 131 -19.06 2.41 -5.68
C PRO B 131 -18.09 2.15 -4.52
N CYS B 132 -16.82 1.95 -4.84
CA CYS B 132 -15.83 1.64 -3.83
C CYS B 132 -14.43 2.06 -4.29
N ILE B 133 -13.51 2.24 -3.35
CA ILE B 133 -12.11 2.50 -3.76
C ILE B 133 -11.49 1.26 -4.37
N SER B 134 -10.54 1.46 -5.27
CA SER B 134 -9.98 0.35 -6.05
C SER B 134 -9.02 -0.52 -5.20
N LYS B 135 -8.69 -1.70 -5.72
CA LYS B 135 -7.72 -2.59 -5.11
C LYS B 135 -6.37 -1.88 -4.97
N GLU B 136 -6.01 -1.12 -6.00
CA GLU B 136 -4.74 -0.38 -5.99
C GLU B 136 -4.73 0.64 -4.86
N ALA B 137 -5.81 1.39 -4.73
CA ALA B 137 -5.95 2.36 -3.63
C ALA B 137 -5.95 1.70 -2.24
N GLN B 138 -6.64 0.58 -2.10
CA GLN B 138 -6.59 -0.16 -0.84
C GLN B 138 -5.15 -0.47 -0.42
N LEU B 139 -4.34 -0.99 -1.35
CA LEU B 139 -2.94 -1.30 -1.06
C LEU B 139 -2.15 -0.02 -0.74
N LEU B 140 -2.36 1.01 -1.56
CA LEU B 140 -1.67 2.30 -1.31
C LEU B 140 -1.94 2.90 0.08
N PHE B 141 -3.18 2.92 0.54
CA PHE B 141 -3.50 3.49 1.87
C PHE B 141 -3.32 2.56 3.09
N HIS B 142 -3.12 1.29 2.86
CA HIS B 142 -2.55 0.43 3.86
C HIS B 142 -1.06 0.80 4.08
N SER B 143 -0.52 0.56 5.23
CA SER B 143 0.87 0.86 5.51
C SER B 143 1.60 -0.44 5.78
N GLY B 144 2.56 -0.80 4.93
CA GLY B 144 3.27 -2.06 5.04
C GLY B 144 3.95 -2.32 6.37
N TYR B 145 4.45 -1.29 7.02
CA TYR B 145 5.13 -1.46 8.32
C TYR B 145 4.17 -1.33 9.50
N ASP B 146 2.88 -1.29 9.22
CA ASP B 146 1.89 -1.12 10.27
C ASP B 146 0.61 -1.90 9.94
N LEU B 147 0.73 -3.22 10.00
CA LEU B 147 -0.34 -4.11 9.57
C LEU B 147 -0.78 -4.95 10.73
N THR B 148 -2.09 -5.07 10.92
CA THR B 148 -2.62 -6.06 11.86
C THR B 148 -2.78 -7.41 11.17
N GLU B 149 -3.09 -8.43 11.96
CA GLU B 149 -3.33 -9.74 11.41
C GLU B 149 -4.49 -9.67 10.45
N THR B 150 -5.48 -8.86 10.77
CA THR B 150 -6.63 -8.75 9.87
C THR B 150 -6.24 -8.02 8.58
N ASP B 151 -5.41 -6.99 8.71
CA ASP B 151 -4.87 -6.35 7.48
C ASP B 151 -4.18 -7.37 6.54
N HIS B 152 -3.34 -8.24 7.12
CA HIS B 152 -2.69 -9.33 6.37
C HIS B 152 -3.70 -10.21 5.62
N PHE B 153 -4.76 -10.62 6.31
CA PHE B 153 -5.84 -11.41 5.66
C PHE B 153 -6.47 -10.65 4.49
N ASP B 154 -6.78 -9.37 4.70
CA ASP B 154 -7.45 -8.58 3.67
C ASP B 154 -6.54 -8.43 2.47
N ILE B 155 -5.25 -8.21 2.75
CA ILE B 155 -4.27 -8.04 1.66
C ILE B 155 -4.12 -9.30 0.81
N LYS B 156 -4.12 -10.45 1.47
CA LYS B 156 -4.17 -11.73 0.76
C LYS B 156 -5.44 -11.92 -0.06
N ASN B 157 -6.55 -11.37 0.43
CA ASN B 157 -7.79 -11.51 -0.31
C ASN B 157 -7.74 -10.66 -1.58
N LEU B 158 -7.15 -9.48 -1.47
CA LEU B 158 -6.98 -8.60 -2.61
C LEU B 158 -6.07 -9.26 -3.64
N LYS B 159 -5.06 -9.97 -3.17
CA LYS B 159 -4.11 -10.65 -4.05
C LYS B 159 -4.82 -11.70 -4.89
N SER B 160 -5.79 -12.38 -4.29
CA SER B 160 -6.58 -13.45 -4.95
C SER B 160 -7.52 -12.95 -6.05
N ILE B 161 -7.70 -11.65 -6.14
CA ILE B 161 -8.54 -11.07 -7.18
C ILE B 161 -7.81 -11.18 -8.51
N THR B 162 -8.43 -11.91 -9.43
CA THR B 162 -7.83 -12.23 -10.73
C THR B 162 -7.44 -10.99 -11.54
#